data_5EWD
#
_entry.id   5EWD
#
_cell.length_a   60.670
_cell.length_b   60.670
_cell.length_c   63.020
_cell.angle_alpha   90.00
_cell.angle_beta   90.00
_cell.angle_gamma   120.00
#
_symmetry.space_group_name_H-M   'P 32 2 1'
#
loop_
_entity.id
_entity.type
_entity.pdbx_description
1 polymer Peregrin
2 non-polymer 4-phenylpyridine
3 non-polymer 'NITRATE ION'
4 water water
#
_entity_poly.entity_id   1
_entity_poly.type   'polypeptide(L)'
_entity_poly.pdbx_seq_one_letter_code
;SMEMQLTPFLILLRKTLEQLQEKDTGNIFSEPVPLSEVPDYLDHIKKPMDFFTMKQNLEAYRYLNFDDFEEDFNLIVSNC
LKYNAKDTIFYRAAVRLREQGGAVLRQARRQAEKMG
;
_entity_poly.pdbx_strand_id   A
#
loop_
_chem_comp.id
_chem_comp.type
_chem_comp.name
_chem_comp.formula
5SH non-polymer 4-phenylpyridine 'C11 H9 N'
NO3 non-polymer 'NITRATE ION' 'N O3 -1'
#
# COMPACT_ATOMS: atom_id res chain seq x y z
N GLU A 3 -13.32 -16.99 8.11
CA GLU A 3 -13.58 -18.42 8.05
C GLU A 3 -13.34 -18.95 6.64
N MET A 4 -12.12 -19.40 6.41
CA MET A 4 -11.65 -19.78 5.09
C MET A 4 -10.25 -20.35 5.25
N GLN A 5 -9.73 -20.90 4.15
CA GLN A 5 -8.36 -21.39 4.13
C GLN A 5 -7.38 -20.24 3.97
N LEU A 6 -6.27 -20.33 4.70
CA LEU A 6 -5.25 -19.29 4.70
C LEU A 6 -4.55 -19.19 3.34
N THR A 7 -4.15 -20.33 2.78
CA THR A 7 -3.34 -20.31 1.57
C THR A 7 -4.03 -19.60 0.39
N PRO A 8 -5.28 -19.89 0.03
CA PRO A 8 -5.90 -19.13 -1.08
C PRO A 8 -6.02 -17.65 -0.76
N PHE A 9 -6.23 -17.30 0.50
CA PHE A 9 -6.34 -15.89 0.86
C PHE A 9 -5.01 -15.17 0.65
N LEU A 10 -3.90 -15.80 1.05
CA LEU A 10 -2.61 -15.14 0.88
C LEU A 10 -2.23 -15.06 -0.59
N ILE A 11 -2.58 -16.06 -1.39
CA ILE A 11 -2.40 -15.98 -2.84
C ILE A 11 -3.14 -14.77 -3.38
N LEU A 12 -4.38 -14.57 -2.94
CA LEU A 12 -5.15 -13.41 -3.37
C LEU A 12 -4.46 -12.11 -2.96
N LEU A 13 -3.96 -12.02 -1.72
CA LEU A 13 -3.31 -10.79 -1.32
C LEU A 13 -2.03 -10.55 -2.11
N ARG A 14 -1.28 -11.62 -2.43
CA ARG A 14 -0.07 -11.45 -3.23
C ARG A 14 -0.41 -10.87 -4.60
N LYS A 15 -1.47 -11.41 -5.22
CA LYS A 15 -1.89 -10.91 -6.54
C LYS A 15 -2.38 -9.47 -6.44
N THR A 16 -3.13 -9.16 -5.38
CA THR A 16 -3.63 -7.81 -5.20
C THR A 16 -2.49 -6.83 -5.00
N LEU A 17 -1.49 -7.22 -4.21
CA LEU A 17 -0.34 -6.35 -4.00
C LEU A 17 0.38 -6.10 -5.32
N GLU A 18 0.48 -7.13 -6.17
CA GLU A 18 1.09 -6.96 -7.48
C GLU A 18 0.29 -5.98 -8.33
N GLN A 19 -1.05 -6.10 -8.31
CA GLN A 19 -1.89 -5.19 -9.07
C GLN A 19 -1.78 -3.76 -8.56
N LEU A 20 -1.61 -3.59 -7.25
CA LEU A 20 -1.43 -2.23 -6.73
C LEU A 20 -0.08 -1.67 -7.15
N GLN A 21 0.97 -2.48 -7.07
CA GLN A 21 2.29 -2.04 -7.51
C GLN A 21 2.26 -1.59 -8.96
N GLU A 22 1.46 -2.27 -9.80
CA GLU A 22 1.37 -1.89 -11.21
C GLU A 22 0.78 -0.51 -11.41
N LYS A 23 -0.09 -0.05 -10.48
CA LYS A 23 -0.67 1.29 -10.59
C LYS A 23 0.35 2.37 -10.27
N ASP A 24 1.35 2.04 -9.47
CA ASP A 24 2.45 2.95 -9.08
C ASP A 24 3.51 2.84 -10.16
N THR A 25 3.26 3.51 -11.29
CA THR A 25 4.13 3.30 -12.44
C THR A 25 5.51 3.92 -12.24
N GLY A 26 5.57 5.06 -11.55
CA GLY A 26 6.86 5.61 -11.19
C GLY A 26 7.61 4.87 -10.10
N ASN A 27 7.01 3.81 -9.54
CA ASN A 27 7.63 3.06 -8.45
C ASN A 27 8.04 3.99 -7.31
N ILE A 28 7.25 5.03 -7.05
CA ILE A 28 7.64 5.93 -5.97
C ILE A 28 7.29 5.35 -4.60
N PHE A 29 6.47 4.30 -4.57
CA PHE A 29 6.07 3.64 -3.33
C PHE A 29 6.59 2.23 -3.22
N SER A 30 7.51 1.79 -4.09
CA SER A 30 7.96 0.41 -4.05
CA SER A 30 7.97 0.41 -4.06
C SER A 30 8.83 0.12 -2.83
N GLU A 31 9.57 1.12 -2.35
CA GLU A 31 10.50 0.94 -1.25
C GLU A 31 10.34 2.10 -0.27
N PRO A 32 10.83 1.95 0.96
CA PRO A 32 10.70 3.04 1.94
C PRO A 32 11.28 4.35 1.42
N VAL A 33 10.69 5.45 1.87
CA VAL A 33 11.18 6.79 1.49
C VAL A 33 12.60 6.93 2.03
N PRO A 34 13.58 7.27 1.18
CA PRO A 34 14.97 7.30 1.65
C PRO A 34 15.25 8.47 2.58
N LEU A 35 15.46 8.17 3.86
CA LEU A 35 15.78 9.22 4.82
C LEU A 35 17.08 9.93 4.50
N SER A 36 17.95 9.31 3.70
CA SER A 36 19.18 9.97 3.27
C SER A 36 18.85 11.22 2.46
N GLU A 37 17.83 11.15 1.61
CA GLU A 37 17.44 12.28 0.78
C GLU A 37 16.32 13.12 1.38
N VAL A 38 15.60 12.58 2.37
CA VAL A 38 14.50 13.28 3.02
C VAL A 38 14.70 13.18 4.54
N PRO A 39 15.71 13.83 5.11
CA PRO A 39 16.04 13.60 6.52
C PRO A 39 14.96 14.04 7.49
N ASP A 40 14.08 14.95 7.10
CA ASP A 40 13.02 15.42 7.97
C ASP A 40 11.76 14.56 7.90
N TYR A 41 11.79 13.49 7.10
CA TYR A 41 10.57 12.76 6.78
C TYR A 41 9.85 12.23 8.01
N LEU A 42 10.60 11.81 9.04
CA LEU A 42 10.00 11.19 10.20
C LEU A 42 9.48 12.18 11.23
N ASP A 43 9.64 13.49 11.01
CA ASP A 43 9.19 14.48 11.98
C ASP A 43 7.70 14.35 12.25
N HIS A 44 6.89 14.16 11.21
CA HIS A 44 5.45 14.06 11.36
C HIS A 44 4.86 12.81 10.75
N ILE A 45 5.67 11.95 10.14
CA ILE A 45 5.21 10.67 9.60
C ILE A 45 5.55 9.63 10.66
N LYS A 46 4.55 9.22 11.44
CA LYS A 46 4.79 8.35 12.58
C LYS A 46 4.86 6.88 12.21
N LYS A 47 4.35 6.48 11.03
CA LYS A 47 4.46 5.11 10.57
C LYS A 47 4.66 5.10 9.06
N PRO A 48 5.90 5.12 8.61
CA PRO A 48 6.17 4.99 7.17
C PRO A 48 5.68 3.65 6.66
N MET A 49 5.32 3.62 5.38
CA MET A 49 4.84 2.41 4.75
C MET A 49 5.17 2.45 3.26
N ASP A 50 5.31 1.26 2.67
CA ASP A 50 5.68 1.09 1.27
C ASP A 50 5.34 -0.35 0.86
N PHE A 51 5.40 -0.61 -0.45
CA PHE A 51 4.98 -1.92 -0.96
C PHE A 51 5.96 -3.03 -0.57
N PHE A 52 7.25 -2.74 -0.50
CA PHE A 52 8.21 -3.76 -0.09
C PHE A 52 7.95 -4.17 1.35
N THR A 53 7.70 -3.19 2.23
CA THR A 53 7.35 -3.50 3.62
C THR A 53 6.04 -4.27 3.70
N MET A 54 5.06 -3.92 2.85
CA MET A 54 3.81 -4.65 2.83
C MET A 54 4.03 -6.11 2.45
N LYS A 55 4.93 -6.35 1.49
CA LYS A 55 5.25 -7.72 1.09
C LYS A 55 5.84 -8.50 2.25
N GLN A 56 6.74 -7.86 3.03
N GLN A 56 6.76 -7.87 3.00
CA GLN A 56 7.29 -8.56 4.18
CA GLN A 56 7.31 -8.51 4.18
C GLN A 56 6.23 -8.82 5.23
C GLN A 56 6.20 -8.83 5.19
N ASN A 57 5.34 -7.86 5.46
CA ASN A 57 4.25 -8.08 6.41
C ASN A 57 3.33 -9.20 5.95
N LEU A 58 3.00 -9.22 4.66
CA LEU A 58 2.17 -10.28 4.10
C LEU A 58 2.77 -11.65 4.39
N GLU A 59 4.05 -11.84 4.06
CA GLU A 59 4.69 -13.14 4.26
C GLU A 59 4.89 -13.46 5.73
N ALA A 60 4.94 -12.45 6.59
CA ALA A 60 5.04 -12.69 8.02
C ALA A 60 3.69 -12.98 8.66
N TYR A 61 2.65 -13.15 7.84
CA TYR A 61 1.29 -13.50 8.28
C TYR A 61 0.65 -12.38 9.09
N ARG A 62 1.07 -11.15 8.85
CA ARG A 62 0.50 -9.99 9.53
C ARG A 62 -0.81 -9.51 8.90
N TYR A 63 -1.21 -10.07 7.76
CA TYR A 63 -2.45 -9.70 7.08
C TYR A 63 -3.36 -10.93 7.06
N LEU A 64 -4.27 -11.03 8.02
CA LEU A 64 -5.17 -12.18 8.09
C LEU A 64 -6.60 -11.82 7.74
N ASN A 65 -6.84 -10.57 7.33
CA ASN A 65 -8.13 -10.14 6.83
C ASN A 65 -7.87 -9.00 5.86
N PHE A 66 -8.89 -8.65 5.09
CA PHE A 66 -8.64 -7.65 4.06
C PHE A 66 -8.39 -6.28 4.66
N ASP A 67 -9.06 -5.96 5.76
CA ASP A 67 -8.87 -4.65 6.38
C ASP A 67 -7.42 -4.40 6.72
N ASP A 68 -6.72 -5.40 7.26
CA ASP A 68 -5.37 -5.07 7.70
C ASP A 68 -4.45 -4.84 6.53
N PHE A 69 -4.70 -5.54 5.43
CA PHE A 69 -3.94 -5.30 4.21
C PHE A 69 -4.23 -3.91 3.66
N GLU A 70 -5.53 -3.58 3.55
CA GLU A 70 -5.97 -2.30 3.03
C GLU A 70 -5.52 -1.12 3.90
N GLU A 71 -5.44 -1.30 5.22
CA GLU A 71 -4.98 -0.22 6.11
C GLU A 71 -3.55 0.22 5.77
N ASP A 72 -2.66 -0.73 5.49
CA ASP A 72 -1.29 -0.36 5.17
C ASP A 72 -1.18 0.29 3.79
N PHE A 73 -2.00 -0.16 2.83
CA PHE A 73 -2.07 0.56 1.55
C PHE A 73 -2.54 1.98 1.76
N ASN A 74 -3.59 2.16 2.56
CA ASN A 74 -4.07 3.51 2.84
C ASN A 74 -3.01 4.36 3.53
N LEU A 75 -2.12 3.74 4.32
CA LEU A 75 -1.02 4.48 4.94
C LEU A 75 -0.05 5.00 3.89
N ILE A 76 0.24 4.19 2.87
CA ILE A 76 1.10 4.66 1.79
C ILE A 76 0.55 5.94 1.21
N VAL A 77 -0.75 5.91 0.88
CA VAL A 77 -1.43 7.07 0.31
C VAL A 77 -1.42 8.24 1.29
N SER A 78 -1.85 8.01 2.53
CA SER A 78 -2.04 9.12 3.46
CA SER A 78 -2.04 9.12 3.46
C SER A 78 -0.71 9.77 3.85
N ASN A 79 0.34 8.96 4.05
CA ASN A 79 1.65 9.52 4.34
C ASN A 79 2.09 10.46 3.23
N CYS A 80 1.82 10.07 1.98
CA CYS A 80 2.29 10.84 0.84
C CYS A 80 1.49 12.13 0.69
N LEU A 81 0.17 12.05 0.88
CA LEU A 81 -0.63 13.27 0.91
C LEU A 81 -0.19 14.20 2.04
N LYS A 82 0.20 13.62 3.19
CA LYS A 82 0.55 14.44 4.35
C LYS A 82 1.89 15.16 4.13
N TYR A 83 2.90 14.43 3.69
CA TYR A 83 4.25 14.98 3.65
C TYR A 83 4.42 16.00 2.53
N ASN A 84 3.80 15.75 1.38
CA ASN A 84 4.12 16.52 0.17
C ASN A 84 3.10 17.60 -0.10
N ALA A 85 3.57 18.72 -0.62
CA ALA A 85 2.68 19.83 -0.95
C ALA A 85 1.75 19.44 -2.11
N LYS A 86 0.59 20.10 -2.16
CA LYS A 86 -0.44 19.70 -3.10
C LYS A 86 0.00 19.87 -4.53
N ASP A 87 0.96 20.77 -4.79
CA ASP A 87 1.35 21.08 -6.15
C ASP A 87 2.49 20.20 -6.65
N THR A 88 2.75 19.07 -6.01
CA THR A 88 3.86 18.22 -6.40
C THR A 88 3.37 17.01 -7.19
N ILE A 89 4.28 16.42 -7.96
CA ILE A 89 4.02 15.14 -8.60
C ILE A 89 3.68 14.08 -7.54
N PHE A 90 4.43 14.05 -6.44
CA PHE A 90 4.21 13.02 -5.43
C PHE A 90 2.80 13.08 -4.85
N TYR A 91 2.32 14.29 -4.53
CA TYR A 91 0.96 14.39 -3.99
C TYR A 91 -0.05 13.88 -5.01
N ARG A 92 0.09 14.28 -6.28
CA ARG A 92 -0.85 13.83 -7.30
C ARG A 92 -0.75 12.33 -7.55
N ALA A 93 0.47 11.77 -7.46
CA ALA A 93 0.62 10.32 -7.58
C ALA A 93 -0.14 9.59 -6.49
N ALA A 94 -0.18 10.16 -5.28
CA ALA A 94 -0.93 9.51 -4.19
C ALA A 94 -2.43 9.58 -4.45
N VAL A 95 -2.91 10.70 -4.98
CA VAL A 95 -4.32 10.80 -5.37
C VAL A 95 -4.66 9.75 -6.43
N ARG A 96 -3.80 9.63 -7.44
CA ARG A 96 -4.06 8.67 -8.50
C ARG A 96 -4.02 7.24 -7.97
N LEU A 97 -3.08 6.94 -7.08
CA LEU A 97 -3.01 5.62 -6.49
C LEU A 97 -4.25 5.33 -5.66
N ARG A 98 -4.71 6.32 -4.89
CA ARG A 98 -5.92 6.13 -4.10
C ARG A 98 -7.09 5.76 -5.01
N GLU A 99 -7.19 6.43 -6.16
CA GLU A 99 -8.29 6.19 -7.09
C GLU A 99 -8.13 4.83 -7.77
N GLN A 100 -6.97 4.59 -8.38
CA GLN A 100 -6.81 3.36 -9.14
C GLN A 100 -6.68 2.16 -8.20
N GLY A 101 -6.01 2.35 -7.06
CA GLY A 101 -5.88 1.25 -6.10
C GLY A 101 -7.19 0.87 -5.45
N GLY A 102 -8.04 1.86 -5.15
CA GLY A 102 -9.33 1.55 -4.56
C GLY A 102 -10.16 0.60 -5.40
N ALA A 103 -10.13 0.76 -6.73
CA ALA A 103 -10.86 -0.15 -7.60
C ALA A 103 -10.28 -1.56 -7.54
N VAL A 104 -8.95 -1.66 -7.53
CA VAL A 104 -8.29 -2.96 -7.37
C VAL A 104 -8.73 -3.60 -6.06
N LEU A 105 -8.80 -2.80 -4.99
CA LEU A 105 -9.10 -3.36 -3.68
C LEU A 105 -10.53 -3.83 -3.58
N ARG A 106 -11.47 -3.08 -4.18
CA ARG A 106 -12.88 -3.46 -4.08
C ARG A 106 -13.12 -4.78 -4.78
N GLN A 107 -12.49 -4.99 -5.94
CA GLN A 107 -12.64 -6.26 -6.66
C GLN A 107 -11.99 -7.40 -5.88
N ALA A 108 -10.81 -7.16 -5.32
CA ALA A 108 -10.13 -8.21 -4.55
C ALA A 108 -10.91 -8.57 -3.31
N ARG A 109 -11.51 -7.58 -2.63
CA ARG A 109 -12.30 -7.87 -1.45
C ARG A 109 -13.55 -8.67 -1.78
N ARG A 110 -14.16 -8.41 -2.95
CA ARG A 110 -15.29 -9.22 -3.36
C ARG A 110 -14.88 -10.67 -3.55
N GLN A 111 -13.66 -10.90 -4.04
CA GLN A 111 -13.16 -12.26 -4.21
C GLN A 111 -12.88 -12.91 -2.86
N ALA A 112 -12.36 -12.14 -1.90
CA ALA A 112 -12.14 -12.71 -0.56
C ALA A 112 -13.46 -13.10 0.09
N GLU A 113 -14.51 -12.29 -0.12
CA GLU A 113 -15.80 -12.56 0.50
C GLU A 113 -16.46 -13.81 -0.06
N LYS A 114 -16.10 -14.22 -1.28
CA LYS A 114 -16.57 -15.50 -1.81
C LYS A 114 -15.88 -16.69 -1.16
N MET A 115 -14.75 -16.47 -0.50
CA MET A 115 -14.00 -17.56 0.13
C MET A 115 -14.69 -18.02 1.41
CAF 5SH B . 11.28 9.88 -2.78
CAB 5SH B . 12.55 9.96 -3.35
CAA 5SH B . 13.26 11.15 -3.29
CAC 5SH B . 12.72 12.26 -2.66
CAG 5SH B . 11.45 12.17 -2.09
CAK 5SH B . 10.73 10.99 -2.15
CAL 5SH B . 9.45 10.91 -1.58
CAH 5SH B . 8.48 10.11 -2.16
CAD 5SH B . 7.21 10.04 -1.62
NAJ 5SH B . 6.91 10.77 -0.46
CAE 5SH B . 7.89 11.57 0.13
CAI 5SH B . 9.16 11.65 -0.43
N NO3 C . -6.95 14.91 -2.46
O1 NO3 C . -8.19 14.41 -3.13
O2 NO3 C . -6.31 14.12 -1.58
O3 NO3 C . -6.44 16.28 -2.74
#